data_4PWU
#
_entry.id   4PWU
#
_cell.length_a   61.770
_cell.length_b   74.380
_cell.length_c   74.200
_cell.angle_alpha   90.000
_cell.angle_beta   99.260
_cell.angle_gamma   90.000
#
_symmetry.space_group_name_H-M   'C 1 2 1'
#
loop_
_entity.id
_entity.type
_entity.pdbx_description
1 polymer 'Modulator protein MzrA'
2 non-polymer GLYCEROL
3 water water
#
_entity_poly.entity_id   1
_entity_poly.type   'polypeptide(L)'
_entity_poly.pdbx_seq_one_letter_code
;GVQQQEATLAIRPVGQGIG(MSE)PDGFSVWHHLDANGIRFKSITPQKDGLLIKFDSTAQGAAAKEVLGRALPHGYIIAL
LEDDNSPTAWLSRLRDAPHRLG
;
_entity_poly.pdbx_strand_id   A,B,C,D
#
loop_
_chem_comp.id
_chem_comp.type
_chem_comp.name
_chem_comp.formula
GOL non-polymer GLYCEROL 'C3 H8 O3'
#
# COMPACT_ATOMS: atom_id res chain seq x y z
N GLN A 3 -1.47 -2.08 11.72
CA GLN A 3 -1.27 -1.16 10.59
C GLN A 3 -0.24 -1.74 9.56
N GLN A 4 -0.10 -1.04 8.41
CA GLN A 4 0.81 -1.44 7.32
C GLN A 4 2.29 -1.31 7.71
N GLN A 5 3.14 -2.08 7.02
CA GLN A 5 4.60 -2.03 7.21
C GLN A 5 5.22 -1.10 6.17
N GLU A 6 5.94 -0.06 6.64
CA GLU A 6 6.60 0.94 5.79
C GLU A 6 7.69 0.30 4.90
N ALA A 7 8.01 0.96 3.79
CA ALA A 7 9.00 0.50 2.82
C ALA A 7 9.99 1.61 2.47
N THR A 8 11.23 1.24 2.13
CA THR A 8 12.25 2.23 1.78
C THR A 8 12.76 1.99 0.36
N LEU A 9 12.90 3.06 -0.40
CA LEU A 9 13.46 3.03 -1.74
C LEU A 9 14.84 3.65 -1.69
N ALA A 10 15.86 2.87 -2.05
CA ALA A 10 17.23 3.36 -2.05
C ALA A 10 17.69 3.60 -3.47
N ILE A 11 18.11 4.83 -3.77
CA ILE A 11 18.60 5.18 -5.10
C ILE A 11 20.08 5.56 -4.96
N ARG A 12 20.95 4.85 -5.67
CA ARG A 12 22.38 5.14 -5.66
C ARG A 12 22.92 5.09 -7.08
N PRO A 13 24.00 5.86 -7.41
CA PRO A 13 24.62 5.69 -8.73
C PRO A 13 25.25 4.31 -8.84
N VAL A 14 25.32 3.72 -10.06
CA VAL A 14 25.91 2.38 -10.21
C VAL A 14 27.43 2.43 -9.93
N GLY A 15 28.04 3.59 -10.17
CA GLY A 15 29.47 3.79 -9.93
C GLY A 15 29.88 5.24 -9.84
N GLN A 16 31.19 5.48 -9.92
CA GLN A 16 31.67 6.85 -9.95
C GLN A 16 31.58 7.33 -11.39
N GLY A 17 31.59 8.63 -11.57
CA GLY A 17 31.31 9.22 -12.86
C GLY A 17 29.87 9.67 -12.92
N ILE A 18 28.97 8.90 -12.26
CA ILE A 18 27.54 9.23 -12.16
C ILE A 18 27.32 10.00 -10.85
N GLY A 19 26.72 11.18 -10.98
CA GLY A 19 26.43 12.04 -9.84
C GLY A 19 25.28 11.52 -9.00
N MSE A 20 25.25 11.94 -7.72
CA MSE A 20 24.20 11.59 -6.77
C MSE A 20 22.82 11.84 -7.39
O MSE A 20 22.66 12.83 -8.12
CB MSE A 20 24.38 12.43 -5.46
CG MSE A 20 23.31 12.12 -4.37
SE MSE A 20 23.04 13.51 -3.00
CE MSE A 20 21.13 13.28 -2.67
N PRO A 21 21.81 10.96 -7.17
CA PRO A 21 20.47 11.27 -7.68
C PRO A 21 19.96 12.58 -7.08
N ASP A 22 19.29 13.39 -7.90
CA ASP A 22 18.73 14.67 -7.48
C ASP A 22 17.31 14.44 -6.90
N GLY A 23 17.17 14.73 -5.61
CA GLY A 23 15.91 14.58 -4.88
C GLY A 23 14.84 15.52 -5.40
N PHE A 24 15.24 16.66 -5.99
CA PHE A 24 14.30 17.59 -6.59
C PHE A 24 13.58 16.92 -7.80
N SER A 25 14.36 16.24 -8.65
CA SER A 25 13.85 15.54 -9.82
C SER A 25 13.04 14.36 -9.41
N VAL A 26 13.51 13.61 -8.41
CA VAL A 26 12.81 12.45 -7.90
C VAL A 26 11.45 12.88 -7.35
N TRP A 27 11.42 13.95 -6.51
CA TRP A 27 10.21 14.50 -5.96
C TRP A 27 9.21 14.83 -7.07
N HIS A 28 9.68 15.55 -8.11
CA HIS A 28 8.90 15.94 -9.29
C HIS A 28 8.28 14.73 -9.99
N HIS A 29 9.05 13.67 -10.20
CA HIS A 29 8.58 12.49 -10.92
C HIS A 29 7.54 11.72 -10.11
N LEU A 30 7.67 11.70 -8.79
CA LEU A 30 6.73 11.00 -7.91
C LEU A 30 5.38 11.74 -7.85
N ASP A 31 5.38 13.08 -7.64
CA ASP A 31 4.15 13.88 -7.59
C ASP A 31 3.47 13.93 -8.98
N ALA A 32 4.26 13.93 -10.08
CA ALA A 32 3.74 13.93 -11.46
C ALA A 32 2.95 12.65 -11.76
N ASN A 33 3.24 11.57 -11.04
CA ASN A 33 2.56 10.30 -11.19
C ASN A 33 1.66 10.01 -9.97
N GLY A 34 1.40 11.03 -9.18
CA GLY A 34 0.55 10.94 -7.99
C GLY A 34 0.99 10.00 -6.90
N ILE A 35 2.31 9.80 -6.75
CA ILE A 35 2.85 8.87 -5.76
C ILE A 35 3.27 9.68 -4.53
N ARG A 36 2.68 9.32 -3.39
CA ARG A 36 2.91 9.93 -2.10
C ARG A 36 3.95 9.14 -1.29
N PHE A 37 4.94 9.86 -0.75
CA PHE A 37 5.97 9.27 0.08
C PHE A 37 5.91 9.89 1.48
N LYS A 38 6.48 9.20 2.46
CA LYS A 38 6.51 9.61 3.87
C LYS A 38 7.64 10.60 4.10
N SER A 39 8.84 10.37 3.51
CA SER A 39 10.00 11.27 3.65
C SER A 39 11.10 11.00 2.61
N ILE A 40 11.96 12.02 2.32
CA ILE A 40 13.15 11.87 1.50
C ILE A 40 14.35 12.25 2.36
N THR A 41 15.36 11.35 2.40
CA THR A 41 16.57 11.53 3.16
C THR A 41 17.77 11.52 2.21
N PRO A 42 18.39 12.71 1.98
CA PRO A 42 19.61 12.74 1.15
C PRO A 42 20.80 12.12 1.90
N GLN A 43 21.63 11.35 1.20
CA GLN A 43 22.83 10.74 1.79
C GLN A 43 24.06 11.13 0.99
N LYS A 44 25.26 10.85 1.51
CA LYS A 44 26.53 11.23 0.86
C LYS A 44 26.49 10.89 -0.66
N ASP A 45 26.24 9.61 -1.02
CA ASP A 45 26.18 9.21 -2.42
C ASP A 45 24.92 8.39 -2.64
N GLY A 46 23.79 9.05 -2.49
CA GLY A 46 22.50 8.38 -2.63
C GLY A 46 21.30 9.12 -2.09
N LEU A 47 20.16 8.45 -2.13
CA LEU A 47 18.87 8.99 -1.71
C LEU A 47 18.01 7.89 -1.12
N LEU A 48 17.38 8.15 0.04
CA LEU A 48 16.45 7.18 0.65
C LEU A 48 15.07 7.79 0.71
N ILE A 49 14.09 7.09 0.16
CA ILE A 49 12.72 7.57 0.20
C ILE A 49 11.88 6.57 0.97
N LYS A 50 11.12 7.04 1.97
CA LYS A 50 10.27 6.15 2.77
C LYS A 50 8.82 6.26 2.32
N PHE A 51 8.13 5.10 2.27
CA PHE A 51 6.69 5.02 1.91
C PHE A 51 5.93 4.37 3.02
N ASP A 52 4.64 4.72 3.17
CA ASP A 52 3.79 4.13 4.21
C ASP A 52 3.47 2.65 3.89
N SER A 53 3.71 2.21 2.63
CA SER A 53 3.48 0.82 2.21
C SER A 53 4.44 0.39 1.09
N THR A 54 4.60 -0.93 0.95
CA THR A 54 5.44 -1.55 -0.08
C THR A 54 4.83 -1.34 -1.49
N ALA A 55 3.48 -1.20 -1.56
CA ALA A 55 2.73 -0.95 -2.80
C ALA A 55 3.13 0.39 -3.42
N GLN A 56 3.22 1.45 -2.58
CA GLN A 56 3.61 2.79 -3.02
C GLN A 56 5.06 2.82 -3.43
N GLY A 57 5.89 2.12 -2.65
CA GLY A 57 7.31 1.97 -2.92
C GLY A 57 7.56 1.33 -4.27
N ALA A 58 6.81 0.27 -4.59
CA ALA A 58 6.90 -0.50 -5.84
C ALA A 58 6.45 0.35 -7.02
N ALA A 59 5.36 1.11 -6.83
CA ALA A 59 4.86 2.04 -7.83
C ALA A 59 5.92 3.12 -8.12
N ALA A 60 6.59 3.61 -7.07
CA ALA A 60 7.66 4.59 -7.21
C ALA A 60 8.88 4.01 -7.94
N LYS A 61 9.20 2.74 -7.70
CA LYS A 61 10.32 2.05 -8.34
C LYS A 61 10.13 1.96 -9.88
N GLU A 62 8.91 1.56 -10.34
CA GLU A 62 8.67 1.45 -11.79
C GLU A 62 8.61 2.81 -12.46
N VAL A 63 8.19 3.85 -11.71
CA VAL A 63 8.14 5.21 -12.22
C VAL A 63 9.56 5.78 -12.30
N LEU A 64 10.37 5.64 -11.23
CA LEU A 64 11.72 6.18 -11.22
C LEU A 64 12.66 5.38 -12.13
N GLY A 65 12.39 4.08 -12.32
CA GLY A 65 13.15 3.24 -13.24
C GLY A 65 13.12 3.78 -14.66
N ARG A 66 11.94 4.23 -15.09
CA ARG A 66 11.72 4.82 -16.41
C ARG A 66 12.15 6.30 -16.48
N ALA A 67 11.90 7.07 -15.40
CA ALA A 67 12.13 8.51 -15.39
C ALA A 67 13.60 8.89 -15.17
N LEU A 68 14.29 8.20 -14.24
CA LEU A 68 15.66 8.56 -13.91
C LEU A 68 16.59 8.21 -15.08
N PRO A 69 17.61 9.09 -15.35
CA PRO A 69 18.57 8.77 -16.43
C PRO A 69 19.41 7.56 -16.07
N HIS A 70 20.06 6.94 -17.08
CA HIS A 70 20.92 5.75 -16.93
C HIS A 70 21.93 5.89 -15.77
N GLY A 71 22.27 4.74 -15.18
CA GLY A 71 23.30 4.65 -14.15
C GLY A 71 22.81 4.72 -12.72
N TYR A 72 21.55 4.32 -12.45
CA TYR A 72 21.05 4.36 -11.07
C TYR A 72 20.52 3.03 -10.60
N ILE A 73 20.92 2.66 -9.40
CA ILE A 73 20.47 1.47 -8.70
C ILE A 73 19.27 1.84 -7.86
N ILE A 74 18.10 1.29 -8.18
CA ILE A 74 16.85 1.59 -7.45
C ILE A 74 16.41 0.31 -6.76
N ALA A 75 16.48 0.27 -5.42
CA ALA A 75 16.09 -0.94 -4.72
C ALA A 75 15.05 -0.67 -3.63
N LEU A 76 14.01 -1.51 -3.59
CA LEU A 76 12.96 -1.48 -2.59
C LEU A 76 13.38 -2.34 -1.40
N LEU A 77 13.30 -1.77 -0.18
CA LEU A 77 13.71 -2.46 1.05
C LEU A 77 12.61 -2.42 2.12
N GLU A 78 12.74 -3.35 3.08
CA GLU A 78 11.86 -3.56 4.24
C GLU A 78 12.38 -2.81 5.49
N GLN B 4 25.65 18.13 18.53
CA GLN B 4 24.66 19.08 18.04
C GLN B 4 23.24 18.51 18.14
N GLN B 5 22.35 19.18 18.93
CA GLN B 5 20.95 18.77 18.99
C GLN B 5 20.26 19.08 17.66
N GLU B 6 19.57 18.07 17.09
CA GLU B 6 18.82 18.21 15.82
C GLU B 6 17.76 19.31 15.91
N ALA B 7 17.39 19.88 14.76
CA ALA B 7 16.36 20.91 14.69
C ALA B 7 15.35 20.59 13.60
N THR B 8 14.10 21.00 13.80
CA THR B 8 13.06 20.78 12.81
C THR B 8 12.45 22.11 12.39
N LEU B 9 12.29 22.28 11.07
CA LEU B 9 11.63 23.42 10.51
C LEU B 9 10.25 23.00 10.04
N ALA B 10 9.21 23.64 10.59
CA ALA B 10 7.83 23.34 10.25
C ALA B 10 7.26 24.44 9.41
N ILE B 11 6.78 24.08 8.21
CA ILE B 11 6.13 25.06 7.32
C ILE B 11 4.66 24.69 7.16
N ARG B 12 3.76 25.60 7.56
CA ARG B 12 2.33 25.37 7.44
C ARG B 12 1.66 26.62 6.91
N PRO B 13 0.54 26.51 6.17
CA PRO B 13 -0.22 27.73 5.81
C PRO B 13 -0.78 28.39 7.06
N VAL B 14 -0.96 29.73 7.04
CA VAL B 14 -1.47 30.44 8.23
C VAL B 14 -2.94 30.05 8.50
N GLY B 15 -3.65 29.65 7.45
CA GLY B 15 -5.04 29.24 7.57
C GLY B 15 -5.55 28.31 6.49
N GLN B 16 -6.80 27.93 6.69
CA GLN B 16 -7.66 27.13 5.82
C GLN B 16 -7.95 27.97 4.59
N GLY B 17 -7.49 27.51 3.43
CA GLY B 17 -7.63 28.25 2.18
C GLY B 17 -6.32 28.27 1.43
N ILE B 18 -5.27 28.84 2.08
CA ILE B 18 -3.89 28.84 1.56
C ILE B 18 -3.46 27.38 1.41
N GLY B 19 -2.96 27.03 0.23
CA GLY B 19 -2.51 25.68 -0.04
C GLY B 19 -1.08 25.47 0.40
N MSE B 20 -0.50 24.35 0.06
CA MSE B 20 0.90 24.13 0.37
C MSE B 20 1.71 24.31 -0.93
O MSE B 20 1.20 23.93 -2.00
CB MSE B 20 1.07 22.71 0.95
CG MSE B 20 2.32 22.54 1.80
SE MSE B 20 2.46 23.78 3.35
CE MSE B 20 4.38 23.73 3.48
N PRO B 21 2.91 24.96 -0.93
CA PRO B 21 3.67 25.07 -2.19
C PRO B 21 4.20 23.71 -2.56
N ASP B 22 4.41 23.43 -3.88
CA ASP B 22 4.97 22.14 -4.31
C ASP B 22 6.21 21.85 -3.49
N GLY B 23 6.20 20.75 -2.76
CA GLY B 23 7.30 20.37 -1.88
C GLY B 23 8.66 20.41 -2.51
N PHE B 24 8.73 20.12 -3.84
CA PHE B 24 10.00 20.18 -4.54
C PHE B 24 10.55 21.64 -4.61
N SER B 25 9.67 22.69 -4.50
CA SER B 25 10.13 24.10 -4.50
C SER B 25 10.95 24.40 -3.25
N VAL B 26 10.55 23.85 -2.10
CA VAL B 26 11.32 24.04 -0.87
C VAL B 26 12.69 23.39 -1.04
N TRP B 27 12.72 22.14 -1.58
CA TRP B 27 13.98 21.42 -1.86
C TRP B 27 14.88 22.30 -2.73
N HIS B 28 14.32 22.86 -3.83
CA HIS B 28 15.01 23.77 -4.77
C HIS B 28 15.63 24.96 -4.06
N HIS B 29 14.88 25.64 -3.18
CA HIS B 29 15.34 26.84 -2.48
C HIS B 29 16.44 26.52 -1.50
N LEU B 30 16.40 25.35 -0.86
CA LEU B 30 17.42 24.96 0.10
C LEU B 30 18.77 24.59 -0.60
N ASP B 31 18.71 23.76 -1.67
CA ASP B 31 19.91 23.40 -2.43
C ASP B 31 20.52 24.61 -3.18
N ALA B 32 19.66 25.53 -3.67
CA ALA B 32 20.09 26.74 -4.36
C ALA B 32 20.93 27.63 -3.46
N ASN B 33 20.71 27.53 -2.14
CA ASN B 33 21.41 28.32 -1.14
C ASN B 33 22.38 27.46 -0.32
N GLY B 34 22.64 26.26 -0.82
CA GLY B 34 23.58 25.31 -0.25
C GLY B 34 23.27 24.89 1.15
N ILE B 35 21.99 24.87 1.53
CA ILE B 35 21.54 24.42 2.86
C ILE B 35 21.47 22.89 2.88
N ARG B 36 22.21 22.28 3.80
CA ARG B 36 22.15 20.84 3.95
C ARG B 36 21.12 20.49 5.03
N PHE B 37 20.16 19.66 4.65
CA PHE B 37 19.15 19.19 5.57
C PHE B 37 19.30 17.67 5.72
N LYS B 38 18.79 17.13 6.81
CA LYS B 38 18.86 15.72 7.14
C LYS B 38 17.74 14.96 6.38
N SER B 39 16.50 15.54 6.36
CA SER B 39 15.33 14.94 5.71
C SER B 39 14.19 15.93 5.53
N ILE B 40 13.27 15.63 4.57
CA ILE B 40 12.02 16.37 4.36
C ILE B 40 10.86 15.37 4.50
N THR B 41 9.90 15.71 5.35
CA THR B 41 8.72 14.89 5.61
C THR B 41 7.48 15.68 5.22
N PRO B 42 6.82 15.30 4.09
CA PRO B 42 5.59 16.00 3.71
C PRO B 42 4.44 15.61 4.63
N GLN B 43 3.60 16.58 4.97
CA GLN B 43 2.44 16.33 5.80
C GLN B 43 1.21 16.72 5.02
N LYS B 44 0.01 16.35 5.50
CA LYS B 44 -1.24 16.66 4.80
C LYS B 44 -1.31 18.17 4.50
N ASP B 45 -1.25 19.01 5.54
CA ASP B 45 -1.23 20.45 5.34
C ASP B 45 0.04 21.02 5.94
N GLY B 46 1.18 20.62 5.39
CA GLY B 46 2.46 21.08 5.88
C GLY B 46 3.69 20.39 5.34
N LEU B 47 4.83 20.71 5.98
CA LEU B 47 6.13 20.22 5.64
C LEU B 47 7.07 20.30 6.82
N LEU B 48 7.79 19.20 7.11
CA LEU B 48 8.77 19.19 8.19
C LEU B 48 10.13 18.94 7.61
N ILE B 49 11.09 19.82 7.90
CA ILE B 49 12.47 19.63 7.45
C ILE B 49 13.35 19.49 8.68
N LYS B 50 14.12 18.39 8.75
CA LYS B 50 15.07 18.12 9.83
C LYS B 50 16.45 18.62 9.45
N PHE B 51 17.19 19.08 10.47
CA PHE B 51 18.57 19.55 10.33
C PHE B 51 19.42 18.94 11.41
N ASP B 52 20.71 18.74 11.12
CA ASP B 52 21.62 18.18 12.11
C ASP B 52 21.91 19.20 13.23
N SER B 53 21.58 20.50 12.99
CA SER B 53 21.79 21.56 13.98
C SER B 53 20.79 22.72 13.83
N THR B 54 20.63 23.49 14.91
CA THR B 54 19.78 24.67 14.99
C THR B 54 20.36 25.81 14.11
N ALA B 55 21.68 25.80 13.86
CA ALA B 55 22.34 26.80 13.02
C ALA B 55 21.91 26.67 11.55
N GLN B 56 21.82 25.44 11.06
CA GLN B 56 21.39 25.13 9.70
C GLN B 56 19.91 25.40 9.54
N GLY B 57 19.15 25.07 10.58
CA GLY B 57 17.71 25.30 10.65
C GLY B 57 17.40 26.78 10.55
N ALA B 58 18.18 27.61 11.28
CA ALA B 58 18.01 29.07 11.31
C ALA B 58 18.36 29.66 9.98
N ALA B 59 19.45 29.16 9.33
CA ALA B 59 19.84 29.58 8.00
C ALA B 59 18.74 29.24 6.99
N ALA B 60 18.10 28.03 7.10
CA ALA B 60 17.01 27.63 6.24
C ALA B 60 15.75 28.49 6.47
N LYS B 61 15.48 28.89 7.73
CA LYS B 61 14.33 29.74 8.08
C LYS B 61 14.42 31.12 7.39
N GLU B 62 15.61 31.74 7.45
CA GLU B 62 15.88 33.01 6.79
C GLU B 62 15.69 32.88 5.26
N VAL B 63 16.23 31.81 4.67
CA VAL B 63 16.16 31.54 3.24
C VAL B 63 14.71 31.28 2.82
N LEU B 64 13.97 30.41 3.54
CA LEU B 64 12.59 30.11 3.18
C LEU B 64 11.64 31.27 3.49
N GLY B 65 11.98 32.09 4.50
CA GLY B 65 11.23 33.28 4.85
C GLY B 65 11.18 34.26 3.69
N ARG B 66 12.32 34.41 2.98
CA ARG B 66 12.43 35.28 1.80
C ARG B 66 11.81 34.61 0.53
N ALA B 67 11.88 33.26 0.41
CA ALA B 67 11.28 32.52 -0.71
C ALA B 67 9.76 32.46 -0.61
N LEU B 68 9.24 32.49 0.64
CA LEU B 68 7.81 32.48 0.96
C LEU B 68 7.52 33.68 1.89
N PRO B 69 7.49 34.91 1.35
CA PRO B 69 7.31 36.10 2.21
C PRO B 69 5.91 36.23 2.84
N HIS B 70 4.86 35.56 2.26
CA HIS B 70 3.48 35.71 2.76
C HIS B 70 2.71 34.37 2.85
N GLY B 71 1.77 34.31 3.80
CA GLY B 71 0.82 33.21 4.01
C GLY B 71 1.34 31.91 4.60
N TYR B 72 2.57 31.90 5.13
CA TYR B 72 3.16 30.67 5.67
C TYR B 72 3.79 30.86 7.00
N ILE B 73 3.51 29.92 7.89
CA ILE B 73 4.10 29.86 9.21
C ILE B 73 5.37 29.01 9.10
N ILE B 74 6.55 29.63 9.30
CA ILE B 74 7.83 28.93 9.28
C ILE B 74 8.36 28.94 10.68
N ALA B 75 8.38 27.79 11.37
CA ALA B 75 8.85 27.78 12.75
C ALA B 75 9.94 26.77 12.99
N LEU B 76 10.97 27.21 13.71
CA LEU B 76 12.08 26.34 14.07
C LEU B 76 11.79 25.70 15.41
N LEU B 77 11.94 24.38 15.48
CA LEU B 77 11.66 23.61 16.69
C LEU B 77 12.89 22.80 17.05
N GLU B 78 13.30 22.79 18.33
CA GLU B 78 14.49 22.04 18.67
C GLU B 78 14.12 20.70 19.32
N ASP B 79 14.67 19.58 18.77
CA ASP B 79 14.45 18.21 19.26
C ASP B 79 15.07 18.03 20.66
N ASP B 80 14.39 17.27 21.54
CA ASP B 80 14.82 17.01 22.93
C ASP B 80 16.18 16.31 22.99
N GLN C 4 -1.85 1.90 -9.51
CA GLN C 4 -1.06 0.76 -9.01
C GLN C 4 -1.58 -0.57 -9.63
N GLN C 5 -0.67 -1.29 -10.33
CA GLN C 5 -0.96 -2.52 -11.04
C GLN C 5 -1.18 -3.71 -10.09
N GLU C 6 -2.42 -4.24 -10.11
CA GLU C 6 -2.85 -5.38 -9.32
C GLU C 6 -2.09 -6.65 -9.73
N ALA C 7 -2.03 -7.62 -8.83
CA ALA C 7 -1.31 -8.89 -9.06
C ALA C 7 -2.18 -10.08 -8.67
N THR C 8 -1.95 -11.22 -9.32
CA THR C 8 -2.72 -12.42 -9.03
C THR C 8 -1.79 -13.55 -8.61
N LEU C 9 -2.15 -14.25 -7.54
CA LEU C 9 -1.44 -15.42 -7.08
C LEU C 9 -2.25 -16.64 -7.46
N ALA C 10 -1.65 -17.53 -8.24
CA ALA C 10 -2.32 -18.75 -8.68
C ALA C 10 -1.75 -19.94 -7.94
N ILE C 11 -2.61 -20.68 -7.27
CA ILE C 11 -2.21 -21.88 -6.55
C ILE C 11 -2.87 -23.09 -7.22
N ARG C 12 -2.04 -24.03 -7.72
CA ARG C 12 -2.55 -25.24 -8.34
C ARG C 12 -1.77 -26.45 -7.85
N PRO C 13 -2.36 -27.65 -7.79
CA PRO C 13 -1.54 -28.84 -7.46
C PRO C 13 -0.52 -29.11 -8.57
N VAL C 14 0.67 -29.68 -8.22
CA VAL C 14 1.68 -29.95 -9.23
C VAL C 14 1.21 -31.06 -10.19
N GLY C 15 0.35 -31.95 -9.69
CA GLY C 15 -0.16 -33.08 -10.45
C GLY C 15 -1.49 -33.64 -9.97
N GLN C 16 -1.79 -34.88 -10.42
CA GLN C 16 -3.06 -35.59 -10.21
C GLN C 16 -3.36 -35.98 -8.74
N GLY C 17 -2.43 -36.68 -8.07
CA GLY C 17 -2.63 -37.20 -6.72
C GLY C 17 -2.91 -36.19 -5.64
N ILE C 18 -2.55 -34.92 -5.89
CA ILE C 18 -2.70 -33.82 -4.95
C ILE C 18 -4.05 -33.13 -5.15
N GLY C 19 -4.79 -32.97 -4.06
CA GLY C 19 -6.09 -32.33 -4.07
C GLY C 19 -6.02 -30.82 -4.20
N MSE C 20 -7.17 -30.21 -4.57
CA MSE C 20 -7.35 -28.77 -4.77
C MSE C 20 -6.94 -27.96 -3.50
O MSE C 20 -7.30 -28.35 -2.37
CB MSE C 20 -8.83 -28.49 -5.13
CG MSE C 20 -9.23 -26.99 -5.07
SE MSE C 20 -11.16 -26.60 -5.22
CE MSE C 20 -11.91 -27.91 -3.86
N PRO C 21 -6.22 -26.80 -3.65
CA PRO C 21 -5.91 -25.98 -2.46
C PRO C 21 -7.20 -25.49 -1.76
N ASP C 22 -7.19 -25.52 -0.44
CA ASP C 22 -8.29 -25.11 0.41
C ASP C 22 -8.19 -23.58 0.69
N GLY C 23 -9.02 -22.78 -0.01
CA GLY C 23 -9.06 -21.33 0.15
C GLY C 23 -9.34 -20.90 1.58
N PHE C 24 -10.00 -21.77 2.35
CA PHE C 24 -10.28 -21.52 3.76
C PHE C 24 -8.93 -21.47 4.55
N SER C 25 -8.02 -22.42 4.29
CA SER C 25 -6.70 -22.49 4.94
C SER C 25 -5.83 -21.38 4.46
N VAL C 26 -5.90 -21.07 3.17
CA VAL C 26 -5.11 -20.01 2.57
C VAL C 26 -5.50 -18.68 3.22
N TRP C 27 -6.83 -18.41 3.34
CA TRP C 27 -7.35 -17.21 3.98
C TRP C 27 -6.75 -17.07 5.38
N HIS C 28 -6.82 -18.15 6.17
CA HIS C 28 -6.30 -18.23 7.53
C HIS C 28 -4.80 -17.87 7.59
N HIS C 29 -4.00 -18.44 6.70
CA HIS C 29 -2.55 -18.19 6.71
C HIS C 29 -2.19 -16.76 6.31
N LEU C 30 -2.98 -16.15 5.42
CA LEU C 30 -2.74 -14.76 5.01
C LEU C 30 -3.10 -13.75 6.13
N ASP C 31 -4.28 -13.92 6.77
CA ASP C 31 -4.71 -13.04 7.87
C ASP C 31 -3.82 -13.25 9.12
N ALA C 32 -3.35 -14.49 9.36
CA ALA C 32 -2.46 -14.82 10.49
C ALA C 32 -1.12 -14.09 10.38
N ASN C 33 -0.74 -13.71 9.15
CA ASN C 33 0.50 -13.00 8.88
C ASN C 33 0.22 -11.53 8.47
N GLY C 34 -1.02 -11.09 8.69
CA GLY C 34 -1.46 -9.74 8.36
C GLY C 34 -1.37 -9.34 6.89
N ILE C 35 -1.51 -10.32 5.97
CA ILE C 35 -1.45 -10.04 4.53
C ILE C 35 -2.86 -9.82 4.01
N ARG C 36 -3.07 -8.66 3.39
CA ARG C 36 -4.34 -8.24 2.83
C ARG C 36 -4.40 -8.54 1.35
N PHE C 37 -5.49 -9.18 0.93
CA PHE C 37 -5.75 -9.50 -0.47
C PHE C 37 -7.03 -8.81 -0.92
N LYS C 38 -7.18 -8.64 -2.25
CA LYS C 38 -8.33 -7.96 -2.85
C LYS C 38 -9.50 -8.93 -2.97
N SER C 39 -9.25 -10.18 -3.41
CA SER C 39 -10.30 -11.22 -3.57
C SER C 39 -9.71 -12.61 -3.66
N ILE C 40 -10.52 -13.67 -3.34
CA ILE C 40 -10.17 -15.07 -3.56
C ILE C 40 -11.22 -15.66 -4.50
N THR C 41 -10.75 -16.32 -5.56
CA THR C 41 -11.58 -16.96 -6.56
C THR C 41 -11.23 -18.44 -6.60
N PRO C 42 -12.10 -19.32 -6.07
CA PRO C 42 -11.82 -20.77 -6.17
C PRO C 42 -12.06 -21.24 -7.61
N GLN C 43 -11.19 -22.12 -8.09
CA GLN C 43 -11.34 -22.66 -9.44
C GLN C 43 -11.51 -24.16 -9.36
N LYS C 44 -11.81 -24.81 -10.51
CA LYS C 44 -12.00 -26.27 -10.55
C LYS C 44 -10.82 -26.98 -9.86
N ASP C 45 -9.61 -26.80 -10.37
CA ASP C 45 -8.42 -27.38 -9.76
C ASP C 45 -7.44 -26.24 -9.49
N GLY C 46 -7.87 -25.29 -8.66
CA GLY C 46 -7.06 -24.14 -8.35
C GLY C 46 -7.67 -23.07 -7.48
N LEU C 47 -6.87 -22.06 -7.23
CA LEU C 47 -7.22 -20.93 -6.43
C LEU C 47 -6.53 -19.69 -6.95
N LEU C 48 -7.27 -18.60 -7.16
CA LEU C 48 -6.68 -17.33 -7.59
C LEU C 48 -6.89 -16.30 -6.49
N ILE C 49 -5.82 -15.66 -6.03
CA ILE C 49 -5.93 -14.62 -5.01
C ILE C 49 -5.39 -13.34 -5.61
N LYS C 50 -6.23 -12.31 -5.71
CA LYS C 50 -5.84 -11.01 -6.27
C LYS C 50 -5.34 -10.07 -5.18
N PHE C 51 -4.31 -9.29 -5.51
CA PHE C 51 -3.75 -8.31 -4.59
C PHE C 51 -3.76 -6.96 -5.24
N ASP C 52 -3.73 -5.89 -4.45
CA ASP C 52 -3.72 -4.53 -4.98
C ASP C 52 -2.32 -4.16 -5.52
N SER C 53 -1.30 -4.98 -5.18
CA SER C 53 0.07 -4.77 -5.65
C SER C 53 0.86 -6.09 -5.74
N THR C 54 1.93 -6.08 -6.56
CA THR C 54 2.86 -7.19 -6.75
C THR C 54 3.65 -7.47 -5.45
N ALA C 55 3.87 -6.42 -4.62
CA ALA C 55 4.57 -6.52 -3.34
C ALA C 55 3.82 -7.40 -2.36
N GLN C 56 2.48 -7.23 -2.27
CA GLN C 56 1.62 -8.01 -1.38
C GLN C 56 1.52 -9.45 -1.84
N GLY C 57 1.42 -9.64 -3.15
CA GLY C 57 1.35 -10.97 -3.76
C GLY C 57 2.63 -11.75 -3.50
N ALA C 58 3.80 -11.05 -3.58
CA ALA C 58 5.11 -11.67 -3.33
C ALA C 58 5.27 -12.04 -1.84
N ALA C 59 4.78 -11.16 -0.95
CA ALA C 59 4.78 -11.42 0.50
C ALA C 59 3.88 -12.63 0.81
N ALA C 60 2.73 -12.73 0.12
CA ALA C 60 1.80 -13.86 0.27
C ALA C 60 2.41 -15.16 -0.28
N LYS C 61 3.19 -15.07 -1.40
CA LYS C 61 3.86 -16.23 -2.01
C LYS C 61 4.86 -16.86 -1.03
N GLU C 62 5.69 -16.02 -0.36
CA GLU C 62 6.67 -16.47 0.63
C GLU C 62 5.96 -17.16 1.80
N VAL C 63 4.88 -16.53 2.31
CA VAL C 63 4.10 -17.03 3.43
C VAL C 63 3.41 -18.35 3.05
N LEU C 64 2.74 -18.41 1.87
CA LEU C 64 2.04 -19.63 1.45
C LEU C 64 3.03 -20.74 1.03
N GLY C 65 4.21 -20.36 0.53
CA GLY C 65 5.27 -21.31 0.20
C GLY C 65 5.68 -22.14 1.41
N ARG C 66 5.78 -21.47 2.57
CA ARG C 66 6.14 -22.11 3.85
C ARG C 66 4.93 -22.80 4.52
N ALA C 67 3.74 -22.17 4.43
CA ALA C 67 2.53 -22.64 5.13
C ALA C 67 1.85 -23.80 4.42
N LEU C 68 1.74 -23.75 3.08
CA LEU C 68 1.02 -24.77 2.34
C LEU C 68 1.78 -26.08 2.34
N PRO C 69 1.04 -27.22 2.28
CA PRO C 69 1.74 -28.50 2.19
C PRO C 69 2.45 -28.61 0.84
N HIS C 70 3.33 -29.62 0.71
CA HIS C 70 4.08 -29.88 -0.51
C HIS C 70 3.13 -30.30 -1.65
N GLY C 71 3.55 -30.05 -2.90
CA GLY C 71 2.78 -30.40 -4.09
C GLY C 71 1.92 -29.29 -4.65
N TYR C 72 2.29 -28.01 -4.37
CA TYR C 72 1.54 -26.89 -4.88
C TYR C 72 2.39 -25.94 -5.66
N ILE C 73 1.90 -25.54 -6.83
CA ILE C 73 2.48 -24.55 -7.68
C ILE C 73 1.92 -23.21 -7.28
N ILE C 74 2.76 -22.32 -6.76
CA ILE C 74 2.35 -20.98 -6.34
C ILE C 74 3.01 -19.99 -7.27
N ALA C 75 2.24 -19.33 -8.14
CA ALA C 75 2.85 -18.40 -9.07
C ALA C 75 2.21 -17.04 -9.03
N LEU C 76 3.04 -16.02 -9.02
CA LEU C 76 2.64 -14.64 -9.05
C LEU C 76 2.50 -14.19 -10.52
N LEU C 77 1.36 -13.57 -10.87
CA LEU C 77 1.04 -13.09 -12.24
C LEU C 77 0.58 -11.62 -12.22
N GLU C 78 0.67 -10.90 -13.34
CA GLU C 78 0.19 -9.50 -13.40
C GLU C 78 -0.95 -9.33 -14.42
N ASP C 79 -1.93 -8.44 -14.12
CA ASP C 79 -3.11 -8.16 -14.97
C ASP C 79 -2.70 -7.83 -16.44
N ASP C 80 -1.68 -6.95 -16.63
CA ASP C 80 -1.13 -6.54 -17.93
C ASP C 80 -2.24 -6.07 -18.92
N ASN C 81 -3.03 -5.06 -18.49
CA ASN C 81 -4.14 -4.48 -19.25
C ASN C 81 -3.66 -3.85 -20.56
N GLN D 4 -26.92 -18.05 -16.51
CA GLN D 4 -27.56 -17.46 -15.33
C GLN D 4 -26.83 -16.17 -14.86
N GLN D 5 -27.61 -15.06 -14.73
CA GLN D 5 -27.14 -13.73 -14.30
C GLN D 5 -26.63 -13.79 -12.88
N GLU D 6 -25.32 -13.43 -12.68
CA GLU D 6 -24.62 -13.49 -11.40
C GLU D 6 -25.29 -12.60 -10.32
N ALA D 7 -25.08 -12.96 -9.05
CA ALA D 7 -25.64 -12.26 -7.89
C ALA D 7 -24.56 -11.99 -6.85
N THR D 8 -24.70 -10.92 -6.09
CA THR D 8 -23.73 -10.57 -5.06
C THR D 8 -24.40 -10.51 -3.69
N LEU D 9 -23.75 -11.09 -2.69
CA LEU D 9 -24.20 -11.03 -1.31
C LEU D 9 -23.31 -10.06 -0.56
N ALA D 10 -23.89 -9.02 0.01
CA ALA D 10 -23.13 -8.01 0.73
C ALA D 10 -23.38 -8.15 2.19
N ILE D 11 -22.32 -8.32 2.98
CA ILE D 11 -22.42 -8.41 4.43
C ILE D 11 -21.69 -7.19 5.04
N ARG D 12 -22.44 -6.36 5.77
CA ARG D 12 -21.88 -5.18 6.45
C ARG D 12 -22.42 -5.09 7.85
N PRO D 13 -21.67 -4.54 8.82
CA PRO D 13 -22.25 -4.34 10.15
C PRO D 13 -23.36 -3.28 10.07
N VAL D 14 -24.38 -3.38 10.95
CA VAL D 14 -25.49 -2.41 10.92
C VAL D 14 -24.98 -1.02 11.35
N GLY D 15 -23.94 -1.00 12.19
CA GLY D 15 -23.36 0.24 12.72
C GLY D 15 -21.90 0.16 13.10
N GLN D 16 -21.42 1.18 13.82
CA GLN D 16 -20.03 1.41 14.22
C GLN D 16 -19.42 0.33 15.17
N GLY D 17 -20.05 0.09 16.34
CA GLY D 17 -19.55 -0.82 17.37
C GLY D 17 -19.33 -2.27 16.96
N ILE D 18 -19.97 -2.68 15.86
CA ILE D 18 -19.91 -4.05 15.33
C ILE D 18 -18.73 -4.15 14.35
N GLY D 19 -17.87 -5.15 14.55
CA GLY D 19 -16.72 -5.37 13.69
C GLY D 19 -17.08 -6.21 12.48
N MSE D 20 -16.09 -6.64 11.72
CA MSE D 20 -16.39 -7.50 10.60
C MSE D 20 -16.23 -8.99 10.98
O MSE D 20 -15.31 -9.31 11.75
CB MSE D 20 -15.52 -7.16 9.39
CG MSE D 20 -16.19 -6.18 8.44
SE MSE D 20 -17.99 -6.79 7.86
CE MSE D 20 -17.50 -8.37 6.81
N PRO D 21 -17.12 -9.93 10.50
CA PRO D 21 -16.93 -11.35 10.83
C PRO D 21 -15.77 -11.90 10.02
N ASP D 22 -15.23 -13.05 10.42
CA ASP D 22 -14.15 -13.64 9.65
C ASP D 22 -14.71 -14.11 8.31
N GLY D 23 -13.97 -13.81 7.25
CA GLY D 23 -14.33 -14.23 5.92
C GLY D 23 -14.19 -15.73 5.76
N PHE D 24 -13.20 -16.33 6.47
CA PHE D 24 -13.03 -17.76 6.40
C PHE D 24 -14.17 -18.44 7.16
N SER D 25 -14.74 -17.77 8.20
CA SER D 25 -15.92 -18.33 8.89
C SER D 25 -17.09 -18.44 7.89
N VAL D 26 -17.27 -17.39 7.06
CA VAL D 26 -18.29 -17.34 6.01
C VAL D 26 -17.99 -18.46 5.00
N TRP D 27 -16.72 -18.59 4.57
CA TRP D 27 -16.25 -19.63 3.64
C TRP D 27 -16.66 -21.00 4.18
N HIS D 28 -16.36 -21.27 5.46
CA HIS D 28 -16.66 -22.53 6.14
C HIS D 28 -18.15 -22.84 6.10
N HIS D 29 -18.99 -21.86 6.43
CA HIS D 29 -20.44 -22.07 6.50
C HIS D 29 -21.03 -22.35 5.12
N LEU D 30 -20.48 -21.74 4.06
CA LEU D 30 -20.98 -21.94 2.70
C LEU D 30 -20.60 -23.33 2.14
N ASP D 31 -19.32 -23.75 2.29
CA ASP D 31 -18.87 -25.07 1.86
C ASP D 31 -19.53 -26.20 2.69
N ALA D 32 -19.75 -25.97 4.00
CA ALA D 32 -20.40 -26.94 4.90
C ALA D 32 -21.82 -27.24 4.47
N ASN D 33 -22.46 -26.29 3.77
CA ASN D 33 -23.84 -26.44 3.31
C ASN D 33 -23.85 -26.65 1.79
N GLY D 34 -22.70 -26.95 1.22
CA GLY D 34 -22.56 -27.21 -0.22
C GLY D 34 -22.97 -26.05 -1.10
N ILE D 35 -22.75 -24.81 -0.63
CA ILE D 35 -23.08 -23.62 -1.42
C ILE D 35 -21.82 -23.17 -2.11
N ARG D 36 -21.87 -23.19 -3.43
CA ARG D 36 -20.74 -22.79 -4.27
C ARG D 36 -20.86 -21.30 -4.59
N PHE D 37 -19.78 -20.56 -4.37
CA PHE D 37 -19.70 -19.15 -4.72
C PHE D 37 -18.62 -18.95 -5.76
N LYS D 38 -18.67 -17.86 -6.49
CA LYS D 38 -17.74 -17.53 -7.55
C LYS D 38 -16.47 -16.88 -6.96
N SER D 39 -16.63 -15.98 -5.98
CA SER D 39 -15.52 -15.26 -5.32
C SER D 39 -15.95 -14.58 -4.01
N ILE D 40 -14.97 -14.30 -3.11
CA ILE D 40 -15.15 -13.51 -1.89
C ILE D 40 -14.21 -12.30 -1.97
N THR D 41 -14.76 -11.12 -1.79
CA THR D 41 -14.01 -9.87 -1.84
C THR D 41 -14.14 -9.17 -0.49
N PRO D 42 -13.06 -9.15 0.33
CA PRO D 42 -13.12 -8.44 1.61
C PRO D 42 -13.09 -6.95 1.39
N GLN D 43 -13.88 -6.23 2.18
CA GLN D 43 -13.88 -4.78 2.11
C GLN D 43 -13.48 -4.25 3.46
N LYS D 44 -13.18 -2.94 3.56
CA LYS D 44 -12.74 -2.36 4.83
C LYS D 44 -13.75 -2.67 5.94
N ASP D 45 -15.00 -2.26 5.75
CA ASP D 45 -16.05 -2.58 6.71
C ASP D 45 -17.11 -3.40 5.98
N GLY D 46 -16.68 -4.52 5.40
CA GLY D 46 -17.58 -5.35 4.61
C GLY D 46 -17.03 -6.61 3.97
N LEU D 47 -17.93 -7.38 3.36
CA LEU D 47 -17.65 -8.60 2.63
C LEU D 47 -18.59 -8.76 1.45
N LEU D 48 -18.06 -9.00 0.26
CA LEU D 48 -18.90 -9.23 -0.91
C LEU D 48 -18.68 -10.63 -1.40
N ILE D 49 -19.76 -11.41 -1.53
CA ILE D 49 -19.69 -12.78 -2.08
C ILE D 49 -20.46 -12.83 -3.41
N LYS D 50 -19.79 -13.23 -4.50
CA LYS D 50 -20.43 -13.37 -5.81
C LYS D 50 -20.81 -14.78 -6.04
N PHE D 51 -21.99 -14.98 -6.61
CA PHE D 51 -22.54 -16.28 -6.97
C PHE D 51 -22.85 -16.31 -8.44
N ASP D 52 -22.84 -17.51 -9.05
CA ASP D 52 -23.15 -17.66 -10.47
C ASP D 52 -24.67 -17.46 -10.72
N SER D 53 -25.51 -17.48 -9.65
CA SER D 53 -26.96 -17.28 -9.76
C SER D 53 -27.56 -16.68 -8.49
N THR D 54 -28.75 -16.07 -8.63
CA THR D 54 -29.55 -15.47 -7.56
C THR D 54 -30.07 -16.56 -6.58
N ALA D 55 -30.26 -17.80 -7.09
CA ALA D 55 -30.73 -18.93 -6.29
C ALA D 55 -29.69 -19.32 -5.24
N GLN D 56 -28.40 -19.35 -5.64
CA GLN D 56 -27.29 -19.68 -4.75
C GLN D 56 -27.09 -18.60 -3.73
N GLY D 57 -27.22 -17.34 -4.16
CA GLY D 57 -27.13 -16.18 -3.29
C GLY D 57 -28.21 -16.14 -2.21
N ALA D 58 -29.44 -16.56 -2.60
CA ALA D 58 -30.57 -16.62 -1.68
C ALA D 58 -30.37 -17.76 -0.67
N ALA D 59 -29.85 -18.91 -1.15
CA ALA D 59 -29.54 -20.05 -0.30
C ALA D 59 -28.42 -19.66 0.68
N ALA D 60 -27.43 -18.88 0.22
CA ALA D 60 -26.35 -18.41 1.06
C ALA D 60 -26.85 -17.40 2.10
N LYS D 61 -27.83 -16.54 1.73
CA LYS D 61 -28.43 -15.56 2.64
C LYS D 61 -29.12 -16.24 3.83
N GLU D 62 -29.91 -17.29 3.55
CA GLU D 62 -30.59 -18.05 4.59
C GLU D 62 -29.56 -18.72 5.53
N VAL D 63 -28.52 -19.33 4.95
CA VAL D 63 -27.48 -20.02 5.68
C VAL D 63 -26.66 -19.02 6.53
N LEU D 64 -26.24 -17.89 5.94
CA LEU D 64 -25.44 -16.90 6.69
C LEU D 64 -26.31 -16.10 7.69
N GLY D 65 -27.60 -15.94 7.40
CA GLY D 65 -28.55 -15.32 8.32
C GLY D 65 -28.62 -16.07 9.64
N ARG D 66 -28.59 -17.42 9.58
CA ARG D 66 -28.59 -18.30 10.75
C ARG D 66 -27.20 -18.43 11.39
N ALA D 67 -26.14 -18.53 10.55
CA ALA D 67 -24.77 -18.81 10.99
C ALA D 67 -24.05 -17.61 11.55
N LEU D 68 -24.23 -16.41 10.96
CA LEU D 68 -23.55 -15.19 11.42
C LEU D 68 -24.18 -14.64 12.68
N PRO D 69 -23.45 -13.91 13.54
CA PRO D 69 -24.11 -13.28 14.69
C PRO D 69 -24.99 -12.11 14.22
N HIS D 70 -25.77 -11.53 15.13
CA HIS D 70 -26.68 -10.43 14.79
C HIS D 70 -25.92 -9.11 14.67
N GLY D 71 -26.56 -8.11 14.09
CA GLY D 71 -25.96 -6.81 13.84
C GLY D 71 -25.28 -6.75 12.49
N TYR D 72 -25.69 -7.66 11.58
CA TYR D 72 -25.16 -7.70 10.23
C TYR D 72 -26.24 -7.52 9.22
N ILE D 73 -25.96 -6.67 8.25
CA ILE D 73 -26.82 -6.44 7.10
C ILE D 73 -26.38 -7.42 6.02
N ILE D 74 -27.23 -8.40 5.70
CA ILE D 74 -26.97 -9.39 4.65
C ILE D 74 -27.92 -9.07 3.50
N ALA D 75 -27.42 -8.56 2.39
CA ALA D 75 -28.31 -8.21 1.29
C ALA D 75 -27.86 -8.83 0.00
N LEU D 76 -28.81 -9.38 -0.72
CA LEU D 76 -28.63 -9.97 -2.02
C LEU D 76 -28.81 -8.88 -3.10
N LEU D 77 -27.84 -8.75 -4.00
CA LEU D 77 -27.84 -7.73 -5.06
C LEU D 77 -27.64 -8.40 -6.44
N GLU D 78 -28.20 -7.80 -7.50
CA GLU D 78 -28.10 -8.34 -8.86
C GLU D 78 -27.76 -7.22 -9.88
N ASP D 79 -27.13 -7.61 -11.02
CA ASP D 79 -26.74 -6.68 -12.10
C ASP D 79 -27.86 -6.55 -13.13
C1 GOL E . 3.43 12.79 0.32
O1 GOL E . 2.57 12.58 1.44
C2 GOL E . 3.22 14.15 -0.31
O2 GOL E . 1.85 14.30 -0.70
C3 GOL E . 4.12 14.27 -1.52
O3 GOL E . 3.97 15.54 -2.14
C1 GOL F . -30.95 -8.38 14.86
O1 GOL F . -30.12 -7.27 15.11
C2 GOL F . -31.04 -8.69 13.39
O2 GOL F . -29.73 -8.99 12.88
C3 GOL F . -31.99 -9.82 13.10
O3 GOL F . -32.36 -9.85 11.72
C1 GOL G . -15.43 -23.61 -3.66
O1 GOL G . -14.99 -23.60 -2.30
C2 GOL G . -16.67 -22.76 -3.82
O2 GOL G . -17.77 -23.36 -3.11
C3 GOL G . -17.04 -22.56 -5.27
O3 GOL G . -17.18 -23.80 -5.97
#